data_4IV2
#
_entry.id   4IV2
#
_cell.length_a   54.235
_cell.length_b   80.813
_cell.length_c   57.897
_cell.angle_alpha   90.00
_cell.angle_beta   109.81
_cell.angle_gamma   90.00
#
_symmetry.space_group_name_H-M   'P 1 21 1'
#
loop_
_entity.id
_entity.type
_entity.pdbx_description
1 polymer 'Estrogen receptor'
2 polymer 'Nuclear receptor coactivator 2'
3 non-polymer 4-[1-(2-methylpropyl)-7-(trifluoromethyl)-1H-indazol-3-yl]benzene-1,3-diol
4 water water
#
loop_
_entity_poly.entity_id
_entity_poly.type
_entity_poly.pdbx_seq_one_letter_code
_entity_poly.pdbx_strand_id
1 'polypeptide(L)'
;KNSLALSLTADQMVSALLDAEPPILYSEYDPTRPFSEASMMGLLTNLADRELVHMINWAKRVPGFVDLTLHDQVHLLECA
WLEILMIGLVWRSMEHPGKLLFAPNLLLDRNQGKCVEGMVEIFDMLLATSSRFRMMNLQGEEFVCLKSIILLNSGVYTFL
SSTLKSLEEKDHIHRVLDKITDTLIHLMAKAGLTLQQQHQRLAQLLLILSHIRHMSNKGMEHLYSMKCKNVVPLSDLLLE
MLDAHRL
;
A,B
2 'polypeptide(L)' HKILHRLLQD C,D
#
# COMPACT_ATOMS: atom_id res chain seq x y z
N SER A 3 -8.15 17.44 -21.95
CA SER A 3 -7.44 16.17 -21.75
C SER A 3 -8.17 15.00 -22.41
N LEU A 4 -7.57 14.47 -23.48
CA LEU A 4 -8.18 13.41 -24.28
C LEU A 4 -8.64 12.22 -23.46
N ALA A 5 -7.86 11.88 -22.43
CA ALA A 5 -8.16 10.71 -21.61
C ALA A 5 -9.65 10.59 -21.26
N LEU A 6 -10.24 11.70 -20.84
CA LEU A 6 -11.61 11.68 -20.33
C LEU A 6 -12.65 11.42 -21.41
N SER A 7 -12.28 11.62 -22.67
CA SER A 7 -13.24 11.43 -23.75
C SER A 7 -13.20 10.02 -24.33
N LEU A 8 -12.28 9.19 -23.84
CA LEU A 8 -12.20 7.80 -24.31
C LEU A 8 -13.34 6.98 -23.75
N THR A 9 -13.84 6.05 -24.57
CA THR A 9 -14.76 5.04 -24.08
C THR A 9 -13.96 4.02 -23.31
N ALA A 10 -14.65 3.11 -22.63
CA ALA A 10 -13.98 2.05 -21.89
C ALA A 10 -13.12 1.21 -22.82
N ASP A 11 -13.72 0.78 -23.94
CA ASP A 11 -13.01 -0.05 -24.90
C ASP A 11 -11.79 0.66 -25.48
N GLN A 12 -11.90 1.97 -25.68
CA GLN A 12 -10.78 2.75 -26.20
C GLN A 12 -9.67 2.86 -25.17
N MET A 13 -10.06 3.02 -23.91
CA MET A 13 -9.09 3.08 -22.81
C MET A 13 -8.33 1.76 -22.73
N VAL A 14 -9.05 0.66 -22.81
CA VAL A 14 -8.43 -0.66 -22.79
C VAL A 14 -7.48 -0.84 -23.97
N SER A 15 -7.94 -0.50 -25.16
CA SER A 15 -7.11 -0.59 -26.36
C SER A 15 -5.86 0.25 -26.24
N ALA A 16 -6.03 1.51 -25.81
CA ALA A 16 -4.87 2.37 -25.59
C ALA A 16 -3.87 1.66 -24.68
N LEU A 17 -4.36 1.15 -23.56
CA LEU A 17 -3.48 0.51 -22.57
C LEU A 17 -2.84 -0.78 -23.10
N LEU A 18 -3.61 -1.60 -23.80
CA LEU A 18 -3.04 -2.80 -24.40
C LEU A 18 -1.92 -2.46 -25.40
N ASP A 19 -2.13 -1.42 -26.20
CA ASP A 19 -1.15 -1.05 -27.23
C ASP A 19 0.12 -0.44 -26.64
N ALA A 20 0.00 0.12 -25.44
CA ALA A 20 1.12 0.77 -24.77
C ALA A 20 2.04 -0.24 -24.07
N GLU A 21 1.55 -1.45 -23.85
CA GLU A 21 2.31 -2.47 -23.13
C GLU A 21 3.76 -2.57 -23.59
N PRO A 22 4.69 -2.52 -22.64
CA PRO A 22 6.11 -2.74 -22.91
C PRO A 22 6.34 -4.23 -23.11
N PRO A 23 7.40 -4.60 -23.85
CA PRO A 23 7.65 -6.03 -24.07
C PRO A 23 8.15 -6.75 -22.83
N ILE A 24 8.18 -8.07 -22.91
CA ILE A 24 8.79 -8.88 -21.86
C ILE A 24 10.25 -9.11 -22.20
N LEU A 25 11.13 -8.58 -21.37
CA LEU A 25 12.56 -8.57 -21.64
C LEU A 25 13.23 -9.84 -21.14
N TYR A 26 14.39 -10.17 -21.71
CA TYR A 26 15.17 -11.31 -21.26
C TYR A 26 16.37 -10.91 -20.42
N SER A 27 16.83 -11.82 -19.59
CA SER A 27 18.06 -11.62 -18.85
C SER A 27 19.22 -12.11 -19.71
N GLU A 28 20.45 -11.88 -19.24
CA GLU A 28 21.61 -12.45 -19.90
C GLU A 28 21.33 -13.93 -20.12
N TYR A 29 21.97 -14.53 -21.12
CA TYR A 29 21.66 -15.91 -21.49
C TYR A 29 22.66 -16.92 -20.97
N ASP A 30 23.28 -16.63 -19.82
CA ASP A 30 24.15 -17.59 -19.16
C ASP A 30 23.31 -18.66 -18.48
N PRO A 31 23.77 -19.93 -18.55
CA PRO A 31 23.02 -21.07 -18.01
C PRO A 31 23.12 -21.16 -16.48
N THR A 32 23.64 -20.12 -15.85
CA THR A 32 23.88 -20.15 -14.41
C THR A 32 22.69 -19.64 -13.60
N ARG A 33 22.21 -20.47 -12.68
CA ARG A 33 21.19 -20.05 -11.73
C ARG A 33 21.83 -19.32 -10.55
N PRO A 34 21.49 -18.04 -10.38
CA PRO A 34 22.08 -17.23 -9.29
C PRO A 34 21.72 -17.75 -7.91
N PHE A 35 22.73 -17.93 -7.07
CA PHE A 35 22.53 -18.30 -5.67
C PHE A 35 23.31 -17.35 -4.77
N SER A 36 23.89 -16.33 -5.39
CA SER A 36 24.71 -15.35 -4.70
C SER A 36 24.07 -13.98 -4.77
N GLU A 37 24.32 -13.15 -3.77
CA GLU A 37 23.86 -11.77 -3.80
C GLU A 37 24.37 -11.06 -5.06
N ALA A 38 25.65 -11.26 -5.37
CA ALA A 38 26.30 -10.57 -6.48
C ALA A 38 25.70 -10.94 -7.83
N SER A 39 25.51 -12.22 -8.09
CA SER A 39 25.01 -12.67 -9.38
C SER A 39 23.53 -12.35 -9.54
N MET A 40 22.76 -12.48 -8.47
CA MET A 40 21.34 -12.20 -8.53
C MET A 40 21.06 -10.70 -8.69
N MET A 41 21.73 -9.88 -7.90
CA MET A 41 21.60 -8.43 -8.00
C MET A 41 22.14 -7.91 -9.34
N GLY A 42 23.21 -8.54 -9.82
CA GLY A 42 23.72 -8.20 -11.14
C GLY A 42 22.63 -8.33 -12.20
N LEU A 43 21.97 -9.49 -12.21
CA LEU A 43 20.94 -9.77 -13.20
C LEU A 43 19.66 -8.92 -13.01
N LEU A 44 19.28 -8.67 -11.77
CA LEU A 44 18.05 -7.92 -11.51
C LEU A 44 18.18 -6.43 -11.83
N THR A 45 19.35 -5.86 -11.53
CA THR A 45 19.58 -4.45 -11.83
C THR A 45 19.70 -4.21 -13.33
N ASN A 46 20.43 -5.08 -14.04
CA ASN A 46 20.53 -4.95 -15.49
C ASN A 46 19.14 -5.04 -16.12
N LEU A 47 18.35 -6.02 -15.66
CA LEU A 47 17.00 -6.19 -16.14
C LEU A 47 16.16 -4.94 -15.87
N ALA A 48 16.17 -4.49 -14.63
CA ALA A 48 15.40 -3.30 -14.24
C ALA A 48 15.85 -2.10 -15.07
N ASP A 49 17.17 -1.98 -15.24
CA ASP A 49 17.75 -0.93 -16.07
C ASP A 49 17.09 -0.87 -17.43
N ARG A 50 17.10 -1.99 -18.14
CA ARG A 50 16.55 -2.03 -19.49
C ARG A 50 15.02 -1.83 -19.52
N GLU A 51 14.33 -2.39 -18.53
CA GLU A 51 12.87 -2.27 -18.43
C GLU A 51 12.44 -0.84 -18.14
N LEU A 52 13.27 -0.09 -17.44
CA LEU A 52 12.93 1.29 -17.09
C LEU A 52 12.73 2.16 -18.33
N VAL A 53 13.58 1.98 -19.32
CA VAL A 53 13.46 2.75 -20.56
C VAL A 53 12.13 2.48 -21.25
N HIS A 54 11.71 1.22 -21.27
CA HIS A 54 10.40 0.85 -21.82
C HIS A 54 9.27 1.39 -20.94
N MET A 55 9.46 1.33 -19.64
CA MET A 55 8.43 1.80 -18.73
C MET A 55 8.14 3.27 -18.98
N ILE A 56 9.21 4.03 -19.23
CA ILE A 56 9.11 5.46 -19.45
C ILE A 56 8.30 5.77 -20.69
N ASN A 57 8.58 5.07 -21.78
CA ASN A 57 7.85 5.23 -23.02
CA ASN A 57 7.82 5.31 -22.98
C ASN A 57 6.42 4.70 -22.92
N TRP A 58 6.23 3.72 -22.03
CA TRP A 58 4.89 3.20 -21.76
C TRP A 58 4.07 4.28 -21.03
N ALA A 59 4.66 4.85 -19.98
CA ALA A 59 3.98 5.88 -19.19
C ALA A 59 3.45 7.01 -20.06
N LYS A 60 4.25 7.42 -21.03
CA LYS A 60 3.86 8.52 -21.92
C LYS A 60 2.62 8.19 -22.75
N ARG A 61 2.31 6.89 -22.85
CA ARG A 61 1.16 6.45 -23.65
C ARG A 61 -0.04 6.08 -22.77
N VAL A 62 0.08 6.35 -21.48
CA VAL A 62 -1.05 6.19 -20.56
C VAL A 62 -1.90 7.45 -20.61
N PRO A 63 -3.15 7.32 -21.06
CA PRO A 63 -4.00 8.52 -21.20
C PRO A 63 -3.97 9.36 -19.93
N GLY A 64 -3.83 10.67 -20.09
CA GLY A 64 -3.80 11.56 -18.94
C GLY A 64 -2.40 11.83 -18.44
N PHE A 65 -1.47 10.90 -18.66
CA PHE A 65 -0.13 11.06 -18.12
C PHE A 65 0.59 12.21 -18.80
N VAL A 66 0.48 12.26 -20.12
CA VAL A 66 1.21 13.26 -20.89
C VAL A 66 0.65 14.67 -20.71
N ASP A 67 -0.53 14.78 -20.09
CA ASP A 67 -1.14 16.08 -19.83
C ASP A 67 -0.46 16.78 -18.65
N LEU A 68 0.22 16.00 -17.83
CA LEU A 68 0.92 16.53 -16.66
C LEU A 68 2.18 17.28 -17.07
N THR A 69 2.60 18.22 -16.23
CA THR A 69 3.88 18.88 -16.43
C THR A 69 4.96 17.80 -16.39
N LEU A 70 6.13 18.12 -16.94
CA LEU A 70 7.25 17.19 -16.94
C LEU A 70 7.66 16.81 -15.52
N HIS A 71 7.69 17.80 -14.65
CA HIS A 71 8.07 17.57 -13.25
C HIS A 71 7.15 16.57 -12.56
N ASP A 72 5.85 16.69 -12.83
CA ASP A 72 4.88 15.78 -12.24
C ASP A 72 5.07 14.38 -12.81
N GLN A 73 5.29 14.29 -14.11
CA GLN A 73 5.58 13.01 -14.74
C GLN A 73 6.79 12.37 -14.08
N VAL A 74 7.83 13.17 -13.82
CA VAL A 74 9.02 12.68 -13.15
C VAL A 74 8.67 12.12 -11.78
N HIS A 75 7.94 12.92 -11.00
CA HIS A 75 7.58 12.52 -9.64
C HIS A 75 6.81 11.21 -9.60
N LEU A 76 5.87 11.04 -10.53
CA LEU A 76 5.02 9.86 -10.53
C LEU A 76 5.85 8.61 -10.80
N LEU A 77 6.79 8.69 -11.73
CA LEU A 77 7.60 7.54 -12.11
C LEU A 77 8.64 7.21 -11.03
N GLU A 78 9.19 8.24 -10.41
CA GLU A 78 10.11 8.04 -9.30
C GLU A 78 9.43 7.29 -8.15
N CYS A 79 8.17 7.64 -7.89
CA CYS A 79 7.41 7.02 -6.82
CA CYS A 79 7.40 7.02 -6.81
C CYS A 79 6.94 5.61 -7.16
N ALA A 80 6.60 5.39 -8.42
CA ALA A 80 5.93 4.15 -8.81
C ALA A 80 6.77 3.06 -9.45
N TRP A 81 7.99 3.36 -9.86
CA TRP A 81 8.70 2.45 -10.78
C TRP A 81 8.86 1.02 -10.28
N LEU A 82 9.26 0.86 -9.03
CA LEU A 82 9.47 -0.49 -8.51
C LEU A 82 8.12 -1.22 -8.36
N GLU A 83 7.09 -0.50 -7.92
CA GLU A 83 5.74 -1.08 -7.87
C GLU A 83 5.34 -1.61 -9.22
N ILE A 84 5.65 -0.83 -10.26
CA ILE A 84 5.28 -1.18 -11.61
C ILE A 84 6.06 -2.40 -12.10
N LEU A 85 7.35 -2.45 -11.78
CA LEU A 85 8.17 -3.59 -12.13
C LEU A 85 7.64 -4.82 -11.42
N MET A 86 7.32 -4.64 -10.15
CA MET A 86 6.82 -5.77 -9.34
C MET A 86 5.48 -6.31 -9.81
N ILE A 87 4.51 -5.44 -10.12
CA ILE A 87 3.22 -5.95 -10.58
C ILE A 87 3.36 -6.70 -11.89
N GLY A 88 4.25 -6.23 -12.76
CA GLY A 88 4.58 -6.94 -13.99
C GLY A 88 5.19 -8.30 -13.69
N LEU A 89 6.07 -8.33 -12.69
CA LEU A 89 6.69 -9.57 -12.25
C LEU A 89 5.68 -10.63 -11.83
N VAL A 90 4.72 -10.23 -10.99
CA VAL A 90 3.74 -11.20 -10.47
C VAL A 90 2.72 -11.59 -11.53
N TRP A 91 2.44 -10.68 -12.45
CA TRP A 91 1.60 -10.97 -13.60
C TRP A 91 2.20 -12.14 -14.40
N ARG A 92 3.41 -11.97 -14.91
CA ARG A 92 4.00 -13.01 -15.73
C ARG A 92 4.38 -14.27 -14.95
N SER A 93 4.40 -14.16 -13.61
CA SER A 93 4.73 -15.31 -12.76
C SER A 93 3.49 -16.15 -12.43
N MET A 94 2.32 -15.65 -12.82
CA MET A 94 1.07 -16.34 -12.50
C MET A 94 1.03 -17.80 -12.89
N GLU A 95 1.47 -18.11 -14.10
CA GLU A 95 1.40 -19.46 -14.63
C GLU A 95 2.51 -20.35 -14.10
N HIS A 96 3.33 -19.80 -13.19
CA HIS A 96 4.46 -20.55 -12.66
C HIS A 96 4.46 -20.56 -11.13
N PRO A 97 3.46 -21.25 -10.54
CA PRO A 97 3.30 -21.34 -9.10
C PRO A 97 4.59 -21.71 -8.40
N GLY A 98 4.93 -20.97 -7.34
CA GLY A 98 6.13 -21.25 -6.57
C GLY A 98 7.37 -20.63 -7.19
N LYS A 99 7.20 -19.96 -8.33
CA LYS A 99 8.34 -19.40 -9.03
C LYS A 99 8.11 -17.94 -9.43
N LEU A 100 9.20 -17.19 -9.49
CA LEU A 100 9.15 -15.82 -9.93
C LEU A 100 9.85 -15.70 -11.29
N LEU A 101 9.10 -15.27 -12.30
CA LEU A 101 9.62 -15.19 -13.65
C LEU A 101 10.09 -13.78 -13.94
N PHE A 102 11.29 -13.44 -13.46
CA PHE A 102 11.84 -12.12 -13.71
C PHE A 102 12.01 -11.92 -15.20
N ALA A 103 12.35 -13.02 -15.89
CA ALA A 103 12.39 -13.06 -17.36
C ALA A 103 12.16 -14.48 -17.82
N PRO A 104 11.78 -14.67 -19.10
CA PRO A 104 11.53 -16.02 -19.61
C PRO A 104 12.73 -16.96 -19.42
N ASN A 105 13.94 -16.43 -19.46
CA ASN A 105 15.13 -17.23 -19.20
C ASN A 105 15.69 -16.99 -17.79
N LEU A 106 14.86 -16.45 -16.90
CA LEU A 106 15.28 -16.21 -15.52
C LEU A 106 14.14 -16.49 -14.54
N LEU A 107 13.94 -17.77 -14.26
CA LEU A 107 12.90 -18.21 -13.34
C LEU A 107 13.56 -18.53 -12.01
N LEU A 108 13.19 -17.77 -10.98
CA LEU A 108 13.80 -17.93 -9.65
C LEU A 108 12.79 -18.49 -8.65
N ASP A 109 13.24 -19.39 -7.78
CA ASP A 109 12.40 -19.89 -6.71
C ASP A 109 12.90 -19.35 -5.38
N ARG A 110 12.15 -19.60 -4.31
CA ARG A 110 12.49 -19.02 -3.01
C ARG A 110 13.83 -19.55 -2.51
N ASN A 111 14.21 -20.74 -2.96
CA ASN A 111 15.48 -21.35 -2.56
C ASN A 111 16.69 -20.53 -2.98
N GLN A 112 16.51 -19.67 -3.98
CA GLN A 112 17.57 -18.79 -4.45
C GLN A 112 17.52 -17.46 -3.70
N GLY A 113 16.34 -17.05 -3.29
CA GLY A 113 16.17 -15.80 -2.57
C GLY A 113 16.64 -15.92 -1.13
N LYS A 114 16.73 -17.16 -0.65
CA LYS A 114 17.11 -17.43 0.73
C LYS A 114 18.63 -17.44 0.90
N CYS A 115 19.35 -17.22 -0.19
CA CYS A 115 20.81 -17.13 -0.14
C CYS A 115 21.28 -15.69 -0.11
N VAL A 116 20.34 -14.76 -0.21
CA VAL A 116 20.65 -13.35 -0.07
C VAL A 116 19.93 -12.78 1.14
N GLU A 117 20.71 -12.28 2.10
CA GLU A 117 20.17 -11.81 3.37
C GLU A 117 18.94 -10.92 3.20
N GLY A 118 17.88 -11.29 3.92
CA GLY A 118 16.67 -10.49 3.98
C GLY A 118 15.93 -10.35 2.67
N MET A 119 16.06 -11.35 1.81
CA MET A 119 15.44 -11.30 0.49
C MET A 119 14.28 -12.28 0.40
N VAL A 120 14.42 -13.41 1.09
CA VAL A 120 13.43 -14.47 1.04
C VAL A 120 12.05 -13.95 1.47
N GLU A 121 12.04 -12.96 2.36
CA GLU A 121 10.79 -12.39 2.82
C GLU A 121 10.00 -11.77 1.66
N ILE A 122 10.67 -10.94 0.89
CA ILE A 122 10.05 -10.24 -0.23
C ILE A 122 9.67 -11.22 -1.34
N PHE A 123 10.56 -12.16 -1.63
CA PHE A 123 10.25 -13.25 -2.54
C PHE A 123 8.90 -13.90 -2.18
N ASP A 124 8.76 -14.32 -0.93
CA ASP A 124 7.53 -14.98 -0.48
C ASP A 124 6.30 -14.09 -0.67
N MET A 125 6.46 -12.80 -0.42
CA MET A 125 5.37 -11.85 -0.64
C MET A 125 4.99 -11.77 -2.11
N LEU A 126 6.00 -11.73 -2.97
CA LEU A 126 5.78 -11.69 -4.42
C LEU A 126 5.05 -12.95 -4.88
N LEU A 127 5.47 -14.09 -4.36
CA LEU A 127 4.88 -15.37 -4.72
C LEU A 127 3.42 -15.45 -4.28
N ALA A 128 3.14 -14.94 -3.08
CA ALA A 128 1.79 -14.95 -2.56
C ALA A 128 0.88 -14.04 -3.39
N THR A 129 1.42 -12.92 -3.84
CA THR A 129 0.66 -11.98 -4.66
C THR A 129 0.36 -12.60 -6.02
N SER A 130 1.35 -13.31 -6.54
CA SER A 130 1.19 -14.02 -7.79
C SER A 130 0.09 -15.09 -7.64
N SER A 131 0.19 -15.90 -6.60
CA SER A 131 -0.84 -16.91 -6.32
C SER A 131 -2.22 -16.26 -6.23
N ARG A 132 -2.28 -15.11 -5.57
CA ARG A 132 -3.55 -14.41 -5.40
C ARG A 132 -4.13 -14.01 -6.74
N PHE A 133 -3.28 -13.47 -7.62
CA PHE A 133 -3.71 -13.11 -8.96
C PHE A 133 -4.17 -14.34 -9.73
N ARG A 134 -3.47 -15.46 -9.53
CA ARG A 134 -3.85 -16.70 -10.21
C ARG A 134 -5.23 -17.17 -9.78
N MET A 135 -5.48 -17.20 -8.48
CA MET A 135 -6.76 -17.67 -7.95
C MET A 135 -7.92 -16.76 -8.33
N MET A 136 -7.63 -15.49 -8.55
CA MET A 136 -8.66 -14.54 -9.00
C MET A 136 -8.91 -14.58 -10.50
N ASN A 137 -8.14 -15.38 -11.23
CA ASN A 137 -8.22 -15.37 -12.69
C ASN A 137 -8.03 -13.97 -13.25
N LEU A 138 -7.06 -13.23 -12.70
CA LEU A 138 -6.75 -11.88 -13.17
C LEU A 138 -6.59 -11.89 -14.70
N GLN A 139 -7.20 -10.91 -15.37
CA GLN A 139 -7.14 -10.83 -16.82
C GLN A 139 -6.17 -9.74 -17.28
N GLY A 140 -5.52 -9.97 -18.42
CA GLY A 140 -4.58 -9.02 -18.97
C GLY A 140 -5.14 -7.61 -19.04
N GLU A 141 -6.40 -7.48 -19.43
CA GLU A 141 -7.05 -6.18 -19.53
C GLU A 141 -7.20 -5.53 -18.16
N GLU A 142 -7.40 -6.34 -17.13
CA GLU A 142 -7.51 -5.86 -15.77
C GLU A 142 -6.13 -5.44 -15.27
N PHE A 143 -5.15 -6.27 -15.57
CA PHE A 143 -3.76 -6.01 -15.22
C PHE A 143 -3.30 -4.62 -15.68
N VAL A 144 -3.55 -4.30 -16.95
CA VAL A 144 -3.07 -3.04 -17.50
C VAL A 144 -3.78 -1.84 -16.87
N CYS A 145 -5.05 -2.00 -16.52
CA CYS A 145 -5.75 -0.96 -15.77
C CYS A 145 -5.07 -0.78 -14.40
N LEU A 146 -4.78 -1.88 -13.72
CA LEU A 146 -4.16 -1.81 -12.39
C LEU A 146 -2.80 -1.15 -12.43
N LYS A 147 -2.03 -1.47 -13.46
CA LYS A 147 -0.69 -0.92 -13.60
C LYS A 147 -0.75 0.59 -13.82
N SER A 148 -1.68 1.02 -14.68
CA SER A 148 -1.86 2.46 -14.90
CA SER A 148 -1.86 2.46 -14.91
C SER A 148 -2.35 3.17 -13.64
N ILE A 149 -3.17 2.48 -12.85
CA ILE A 149 -3.66 3.07 -11.60
C ILE A 149 -2.49 3.36 -10.67
N ILE A 150 -1.55 2.41 -10.61
CA ILE A 150 -0.35 2.56 -9.80
C ILE A 150 0.46 3.78 -10.23
N LEU A 151 0.68 3.91 -11.53
CA LEU A 151 1.41 5.05 -12.07
C LEU A 151 0.83 6.36 -11.57
N LEU A 152 -0.50 6.49 -11.69
CA LEU A 152 -1.18 7.74 -11.40
C LEU A 152 -1.43 7.95 -9.90
N ASN A 153 -1.62 6.87 -9.16
CA ASN A 153 -1.99 7.01 -7.76
C ASN A 153 -0.82 7.23 -6.80
N SER A 154 0.26 6.48 -6.99
CA SER A 154 1.26 6.32 -5.95
C SER A 154 1.96 7.63 -5.54
N GLY A 155 2.14 8.55 -6.48
CA GLY A 155 2.76 9.82 -6.17
C GLY A 155 1.77 10.98 -6.10
N VAL A 156 0.49 10.67 -6.28
CA VAL A 156 -0.54 11.70 -6.43
C VAL A 156 -0.62 12.74 -5.29
N TYR A 157 0.29 12.64 -4.32
CA TYR A 157 0.34 13.61 -3.24
C TYR A 157 1.70 14.31 -3.18
N ASP A 171 -6.51 17.04 -9.43
CA ASP A 171 -7.90 16.91 -9.81
C ASP A 171 -8.01 16.20 -11.16
N HIS A 172 -7.06 16.50 -12.05
CA HIS A 172 -6.96 15.82 -13.33
C HIS A 172 -6.67 14.35 -13.12
N ILE A 173 -5.62 14.08 -12.33
CA ILE A 173 -5.27 12.71 -11.99
C ILE A 173 -6.47 11.98 -11.41
N HIS A 174 -7.20 12.64 -10.52
CA HIS A 174 -8.37 12.05 -9.88
C HIS A 174 -9.44 11.65 -10.89
N ARG A 175 -9.71 12.52 -11.85
CA ARG A 175 -10.72 12.24 -12.87
C ARG A 175 -10.29 11.10 -13.80
N VAL A 176 -9.01 11.06 -14.13
CA VAL A 176 -8.48 9.97 -14.94
C VAL A 176 -8.59 8.65 -14.18
N LEU A 177 -8.24 8.70 -12.90
CA LEU A 177 -8.33 7.53 -12.04
C LEU A 177 -9.77 7.02 -11.96
N ASP A 178 -10.72 7.94 -11.88
CA ASP A 178 -12.13 7.57 -11.94
C ASP A 178 -12.46 6.86 -13.25
N LYS A 179 -11.89 7.36 -14.34
CA LYS A 179 -12.13 6.81 -15.67
C LYS A 179 -11.60 5.39 -15.75
N ILE A 180 -10.44 5.14 -15.15
CA ILE A 180 -9.87 3.80 -15.15
C ILE A 180 -10.75 2.85 -14.34
N THR A 181 -11.30 3.37 -13.24
CA THR A 181 -12.22 2.59 -12.43
C THR A 181 -13.44 2.18 -13.26
N ASP A 182 -13.98 3.15 -14.00
CA ASP A 182 -15.09 2.85 -14.91
C ASP A 182 -14.68 1.74 -15.86
N THR A 183 -13.43 1.81 -16.33
CA THR A 183 -12.93 0.85 -17.32
C THR A 183 -12.78 -0.55 -16.74
N LEU A 184 -12.28 -0.64 -15.51
CA LEU A 184 -12.22 -1.91 -14.78
C LEU A 184 -13.61 -2.51 -14.61
N ILE A 185 -14.56 -1.70 -14.18
CA ILE A 185 -15.93 -2.18 -14.02
C ILE A 185 -16.52 -2.64 -15.37
N HIS A 186 -16.35 -1.83 -16.41
CA HIS A 186 -16.74 -2.20 -17.77
C HIS A 186 -16.29 -3.63 -18.10
N LEU A 187 -15.00 -3.91 -17.87
CA LEU A 187 -14.41 -5.21 -18.19
C LEU A 187 -15.06 -6.34 -17.41
N MET A 188 -15.33 -6.09 -16.14
CA MET A 188 -15.92 -7.12 -15.29
C MET A 188 -17.35 -7.37 -15.74
N ALA A 189 -18.04 -6.29 -16.09
CA ALA A 189 -19.40 -6.41 -16.60
C ALA A 189 -19.39 -7.17 -17.92
N LYS A 190 -18.42 -6.86 -18.78
CA LYS A 190 -18.31 -7.53 -20.06
C LYS A 190 -18.00 -9.02 -19.90
N ALA A 191 -17.40 -9.37 -18.77
CA ALA A 191 -17.08 -10.76 -18.47
C ALA A 191 -18.26 -11.49 -17.83
N GLY A 192 -19.39 -10.81 -17.70
CA GLY A 192 -20.61 -11.43 -17.20
C GLY A 192 -20.79 -11.44 -15.70
N LEU A 193 -19.88 -10.81 -14.96
CA LEU A 193 -20.02 -10.73 -13.51
C LEU A 193 -21.23 -9.88 -13.11
N THR A 194 -21.91 -10.29 -12.03
CA THR A 194 -23.02 -9.50 -11.49
C THR A 194 -22.50 -8.20 -10.88
N LEU A 195 -23.41 -7.27 -10.61
CA LEU A 195 -23.01 -6.01 -9.98
C LEU A 195 -22.33 -6.29 -8.64
N GLN A 196 -22.79 -7.31 -7.94
CA GLN A 196 -22.21 -7.64 -6.64
C GLN A 196 -20.79 -8.16 -6.80
N GLN A 197 -20.59 -9.07 -7.75
CA GLN A 197 -19.27 -9.61 -8.02
C GLN A 197 -18.34 -8.52 -8.52
N GLN A 198 -18.89 -7.59 -9.28
CA GLN A 198 -18.12 -6.48 -9.81
C GLN A 198 -17.49 -5.62 -8.70
N HIS A 199 -18.28 -5.17 -7.75
CA HIS A 199 -17.75 -4.30 -6.70
C HIS A 199 -16.85 -5.07 -5.72
N GLN A 200 -17.13 -6.35 -5.52
CA GLN A 200 -16.29 -7.18 -4.68
C GLN A 200 -14.92 -7.42 -5.34
N ARG A 201 -14.94 -7.68 -6.64
CA ARG A 201 -13.70 -7.93 -7.36
C ARG A 201 -12.86 -6.66 -7.46
N LEU A 202 -13.52 -5.53 -7.70
CA LEU A 202 -12.82 -4.25 -7.72
C LEU A 202 -12.07 -4.04 -6.39
N ALA A 203 -12.76 -4.24 -5.28
CA ALA A 203 -12.16 -4.08 -3.96
C ALA A 203 -10.95 -4.99 -3.78
N GLN A 204 -11.13 -6.27 -4.14
CA GLN A 204 -10.07 -7.26 -3.99
C GLN A 204 -8.81 -6.86 -4.76
N LEU A 205 -8.98 -6.47 -6.02
CA LEU A 205 -7.86 -6.01 -6.84
C LEU A 205 -7.20 -4.77 -6.24
N LEU A 206 -8.01 -3.81 -5.79
CA LEU A 206 -7.44 -2.57 -5.28
C LEU A 206 -6.70 -2.76 -3.96
N LEU A 207 -7.18 -3.68 -3.12
CA LEU A 207 -6.50 -3.99 -1.86
C LEU A 207 -5.11 -4.57 -2.10
N ILE A 208 -4.95 -5.31 -3.18
CA ILE A 208 -3.65 -5.87 -3.54
C ILE A 208 -2.62 -4.78 -3.84
N LEU A 209 -3.09 -3.63 -4.34
CA LEU A 209 -2.20 -2.49 -4.59
C LEU A 209 -1.50 -2.03 -3.31
N SER A 210 -2.15 -2.19 -2.17
CA SER A 210 -1.52 -1.85 -0.90
CA SER A 210 -1.53 -1.87 -0.88
C SER A 210 -0.37 -2.80 -0.60
N HIS A 211 -0.53 -4.07 -0.97
CA HIS A 211 0.53 -5.05 -0.75
C HIS A 211 1.68 -4.80 -1.71
N ILE A 212 1.35 -4.45 -2.94
CA ILE A 212 2.37 -4.09 -3.92
C ILE A 212 3.16 -2.88 -3.45
N ARG A 213 2.48 -1.90 -2.85
CA ARG A 213 3.15 -0.75 -2.27
C ARG A 213 4.09 -1.17 -1.15
N HIS A 214 3.62 -2.08 -0.30
CA HIS A 214 4.44 -2.57 0.81
C HIS A 214 5.71 -3.24 0.29
N MET A 215 5.57 -4.06 -0.75
CA MET A 215 6.70 -4.80 -1.30
C MET A 215 7.72 -3.87 -1.96
N SER A 216 7.23 -2.85 -2.65
CA SER A 216 8.10 -1.83 -3.25
C SER A 216 8.93 -1.13 -2.19
N ASN A 217 8.30 -0.70 -1.09
CA ASN A 217 9.02 -0.03 -0.01
C ASN A 217 10.11 -0.89 0.61
N LYS A 218 9.79 -2.16 0.88
CA LYS A 218 10.80 -3.06 1.43
C LYS A 218 11.90 -3.30 0.40
N GLY A 219 11.49 -3.49 -0.86
CA GLY A 219 12.42 -3.64 -1.94
C GLY A 219 13.35 -2.44 -2.07
N MET A 220 12.80 -1.24 -1.91
CA MET A 220 13.59 -0.03 -2.04
C MET A 220 14.67 0.03 -0.95
N GLU A 221 14.32 -0.38 0.26
CA GLU A 221 15.29 -0.48 1.35
C GLU A 221 16.43 -1.43 0.98
N HIS A 222 16.08 -2.55 0.36
CA HIS A 222 17.11 -3.50 -0.03
CA HIS A 222 17.06 -3.53 -0.08
C HIS A 222 18.02 -2.92 -1.10
N LEU A 223 17.46 -2.20 -2.05
CA LEU A 223 18.26 -1.58 -3.10
C LEU A 223 19.25 -0.60 -2.49
N TYR A 224 18.78 0.10 -1.46
CA TYR A 224 19.62 1.07 -0.78
C TYR A 224 20.80 0.42 -0.07
N SER A 225 20.55 -0.71 0.59
CA SER A 225 21.61 -1.43 1.29
C SER A 225 22.68 -1.91 0.31
N MET A 226 22.26 -2.21 -0.91
CA MET A 226 23.20 -2.61 -1.97
C MET A 226 24.05 -1.42 -2.40
N LYS A 227 23.42 -0.25 -2.46
CA LYS A 227 24.12 0.98 -2.82
C LYS A 227 25.17 1.28 -1.76
N CYS A 228 24.87 0.92 -0.52
CA CYS A 228 25.81 1.09 0.58
C CYS A 228 26.87 -0.01 0.60
N LYS A 229 26.42 -1.26 0.63
CA LYS A 229 27.34 -2.40 0.67
C LYS A 229 28.18 -2.49 -0.60
N ASN A 230 27.74 -1.80 -1.64
CA ASN A 230 28.48 -1.77 -2.90
C ASN A 230 28.52 -3.14 -3.59
N VAL A 231 29.71 -3.55 -4.01
CA VAL A 231 29.88 -4.84 -4.67
C VAL A 231 29.28 -4.88 -6.09
N VAL A 232 28.01 -4.51 -6.19
CA VAL A 232 27.35 -4.45 -7.49
C VAL A 232 27.20 -3.00 -7.93
N PRO A 233 27.86 -2.63 -9.03
CA PRO A 233 27.68 -1.27 -9.55
C PRO A 233 26.24 -1.03 -9.98
N LEU A 234 25.75 0.18 -9.73
CA LEU A 234 24.39 0.54 -10.11
C LEU A 234 24.39 1.58 -11.23
N SER A 235 23.45 1.45 -12.15
CA SER A 235 23.33 2.43 -13.22
C SER A 235 23.03 3.81 -12.64
N ASP A 236 23.41 4.85 -13.36
CA ASP A 236 23.12 6.21 -12.90
C ASP A 236 21.62 6.39 -12.76
N LEU A 237 20.87 5.79 -13.69
CA LEU A 237 19.41 5.89 -13.67
C LEU A 237 18.87 5.27 -12.37
N LEU A 238 19.27 4.04 -12.09
CA LEU A 238 18.82 3.38 -10.86
C LEU A 238 19.18 4.20 -9.63
N LEU A 239 20.40 4.71 -9.59
CA LEU A 239 20.84 5.55 -8.48
C LEU A 239 19.93 6.78 -8.31
N GLU A 240 19.59 7.43 -9.42
CA GLU A 240 18.72 8.59 -9.35
C GLU A 240 17.31 8.21 -8.92
N MET A 241 16.84 7.04 -9.34
CA MET A 241 15.55 6.56 -8.90
C MET A 241 15.59 6.29 -7.40
N LEU A 242 16.58 5.52 -6.98
CA LEU A 242 16.77 5.20 -5.57
C LEU A 242 16.88 6.49 -4.76
N ASP A 243 17.71 7.39 -5.23
CA ASP A 243 17.94 8.67 -4.55
C ASP A 243 16.65 9.46 -4.32
N ALA A 244 15.67 9.29 -5.21
CA ALA A 244 14.41 9.99 -5.07
C ALA A 244 13.59 9.49 -3.87
N HIS A 245 13.81 8.24 -3.48
CA HIS A 245 13.13 7.67 -2.32
C HIS A 245 13.90 7.91 -1.03
N ARG A 246 14.72 8.95 -0.99
CA ARG A 246 15.57 9.21 0.16
C ARG A 246 15.70 10.71 0.46
N SER B 3 -19.95 -18.01 11.96
CA SER B 3 -19.04 -16.91 12.27
C SER B 3 -19.74 -15.55 12.20
N LEU B 4 -20.59 -15.29 13.19
CA LEU B 4 -21.30 -14.02 13.29
C LEU B 4 -21.08 -13.10 12.09
N ALA B 5 -19.90 -12.49 12.03
CA ALA B 5 -19.54 -11.55 10.97
C ALA B 5 -20.21 -11.85 9.63
N LEU B 6 -20.11 -13.10 9.18
CA LEU B 6 -20.67 -13.49 7.90
C LEU B 6 -22.19 -13.33 7.86
N SER B 7 -22.82 -13.35 9.03
CA SER B 7 -24.27 -13.31 9.10
C SER B 7 -24.79 -11.96 9.61
N LEU B 8 -23.93 -10.95 9.60
CA LEU B 8 -24.36 -9.62 9.99
C LEU B 8 -24.90 -8.88 8.77
N THR B 9 -25.97 -8.12 8.96
CA THR B 9 -26.43 -7.25 7.90
C THR B 9 -25.47 -6.07 7.82
N ALA B 10 -25.45 -5.38 6.69
CA ALA B 10 -24.59 -4.22 6.51
C ALA B 10 -24.76 -3.23 7.66
N ASP B 11 -26.02 -2.97 8.02
CA ASP B 11 -26.30 -2.01 9.08
C ASP B 11 -25.85 -2.56 10.43
N GLN B 12 -25.98 -3.86 10.62
CA GLN B 12 -25.46 -4.50 11.81
C GLN B 12 -23.93 -4.39 11.87
N MET B 13 -23.28 -4.69 10.75
CA MET B 13 -21.83 -4.53 10.64
C MET B 13 -21.38 -3.12 11.02
N VAL B 14 -22.08 -2.11 10.51
CA VAL B 14 -21.72 -0.72 10.75
C VAL B 14 -21.89 -0.31 12.21
N SER B 15 -23.06 -0.61 12.77
CA SER B 15 -23.31 -0.25 14.16
C SER B 15 -22.32 -0.97 15.08
N ALA B 16 -22.00 -2.21 14.74
CA ALA B 16 -20.99 -2.96 15.49
C ALA B 16 -19.64 -2.24 15.48
N LEU B 17 -19.21 -1.82 14.29
CA LEU B 17 -17.93 -1.11 14.14
C LEU B 17 -17.94 0.24 14.85
N LEU B 18 -19.01 1.00 14.69
CA LEU B 18 -19.15 2.26 15.42
C LEU B 18 -19.05 2.03 16.93
N ASP B 19 -19.77 1.04 17.42
CA ASP B 19 -19.77 0.71 18.85
C ASP B 19 -18.37 0.42 19.38
N ALA B 20 -17.53 -0.19 18.55
CA ALA B 20 -16.23 -0.64 18.98
C ALA B 20 -15.15 0.44 18.87
N GLU B 21 -15.53 1.62 18.39
CA GLU B 21 -14.56 2.69 18.21
C GLU B 21 -13.79 2.98 19.49
N PRO B 22 -12.46 3.08 19.39
CA PRO B 22 -11.64 3.39 20.56
C PRO B 22 -11.83 4.83 20.96
N PRO B 23 -11.45 5.20 22.18
CA PRO B 23 -11.57 6.58 22.63
C PRO B 23 -10.43 7.43 22.11
N ILE B 24 -10.60 8.74 22.13
CA ILE B 24 -9.53 9.65 21.75
C ILE B 24 -8.73 10.04 23.00
N LEU B 25 -7.44 9.70 23.00
CA LEU B 25 -6.61 9.91 24.17
C LEU B 25 -5.94 11.30 24.13
N TYR B 26 -5.52 11.76 25.30
CA TYR B 26 -4.78 13.03 25.39
C TYR B 26 -3.28 12.77 25.38
N SER B 27 -2.52 13.73 24.88
CA SER B 27 -1.07 13.68 24.97
C SER B 27 -0.66 14.35 26.27
N GLU B 28 0.63 14.35 26.56
CA GLU B 28 1.12 15.05 27.73
C GLU B 28 1.66 16.42 27.36
N TYR B 29 1.27 16.92 26.18
CA TYR B 29 1.72 18.24 25.75
C TYR B 29 1.37 19.31 26.78
N ASP B 30 2.31 20.22 27.00
CA ASP B 30 2.13 21.31 27.93
C ASP B 30 2.79 22.52 27.30
N PRO B 31 1.99 23.55 26.96
CA PRO B 31 2.50 24.75 26.29
C PRO B 31 3.52 25.49 27.12
N THR B 32 3.46 25.35 28.44
CA THR B 32 4.37 26.05 29.34
C THR B 32 5.69 25.30 29.50
N ARG B 33 5.76 24.12 28.92
CA ARG B 33 6.96 23.30 29.00
C ARG B 33 7.69 23.33 27.67
N PRO B 34 9.03 23.50 27.71
CA PRO B 34 9.80 23.48 26.46
C PRO B 34 9.98 22.05 25.95
N PHE B 35 9.88 21.86 24.64
CA PHE B 35 10.16 20.56 24.05
C PHE B 35 11.29 20.65 23.04
N SER B 36 12.10 19.59 22.98
CA SER B 36 13.06 19.44 21.92
C SER B 36 12.37 18.66 20.82
N GLU B 37 13.05 18.48 19.69
CA GLU B 37 12.55 17.62 18.64
C GLU B 37 12.32 16.23 19.21
N ALA B 38 13.25 15.78 20.04
CA ALA B 38 13.14 14.47 20.65
C ALA B 38 11.99 14.37 21.67
N SER B 39 11.84 15.41 22.49
CA SER B 39 10.73 15.47 23.45
C SER B 39 9.40 15.45 22.74
N MET B 40 9.30 16.26 21.70
CA MET B 40 8.10 16.31 20.87
C MET B 40 7.75 14.91 20.39
N MET B 41 8.73 14.21 19.84
CA MET B 41 8.50 12.85 19.34
C MET B 41 8.09 11.93 20.49
N GLY B 42 8.66 12.16 21.67
CA GLY B 42 8.29 11.42 22.85
C GLY B 42 6.80 11.51 23.14
N LEU B 43 6.23 12.68 22.90
CA LEU B 43 4.79 12.86 23.06
C LEU B 43 4.03 11.88 22.18
N LEU B 44 4.50 11.72 20.95
CA LEU B 44 3.83 10.88 19.98
C LEU B 44 4.04 9.39 20.23
N THR B 45 5.25 8.98 20.59
CA THR B 45 5.49 7.57 20.92
C THR B 45 4.76 7.17 22.19
N ASN B 46 4.81 8.04 23.20
CA ASN B 46 4.08 7.80 24.44
C ASN B 46 2.57 7.67 24.15
N LEU B 47 2.03 8.61 23.39
CA LEU B 47 0.63 8.57 22.99
C LEU B 47 0.31 7.28 22.24
N ALA B 48 1.14 6.95 21.26
CA ALA B 48 0.93 5.75 20.46
C ALA B 48 0.92 4.51 21.36
N ASP B 49 1.85 4.45 22.31
CA ASP B 49 1.92 3.33 23.23
C ASP B 49 0.59 3.11 23.96
N ARG B 50 0.00 4.20 24.45
CA ARG B 50 -1.25 4.11 25.19
C ARG B 50 -2.43 3.73 24.27
N GLU B 51 -2.44 4.24 23.05
CA GLU B 51 -3.48 3.91 22.11
C GLU B 51 -3.50 2.44 21.71
N LEU B 52 -2.34 1.78 21.80
CA LEU B 52 -2.21 0.40 21.36
C LEU B 52 -3.08 -0.56 22.17
N VAL B 53 -3.21 -0.29 23.46
CA VAL B 53 -4.00 -1.14 24.33
C VAL B 53 -5.46 -1.05 23.90
N HIS B 54 -5.88 0.15 23.52
CA HIS B 54 -7.26 0.36 23.09
C HIS B 54 -7.51 -0.24 21.71
N MET B 55 -6.47 -0.23 20.88
CA MET B 55 -6.55 -0.78 19.53
C MET B 55 -6.76 -2.28 19.62
N ILE B 56 -6.03 -2.91 20.54
CA ILE B 56 -6.20 -4.35 20.77
C ILE B 56 -7.65 -4.69 21.12
N ASN B 57 -8.28 -3.88 21.97
CA ASN B 57 -9.66 -4.13 22.36
C ASN B 57 -10.61 -3.89 21.21
N TRP B 58 -10.33 -2.84 20.45
CA TRP B 58 -11.13 -2.52 19.28
C TRP B 58 -11.04 -3.67 18.28
N ALA B 59 -9.83 -4.17 18.07
CA ALA B 59 -9.61 -5.24 17.10
C ALA B 59 -10.46 -6.47 17.41
N LYS B 60 -10.53 -6.84 18.68
CA LYS B 60 -11.33 -7.99 19.09
C LYS B 60 -12.81 -7.81 18.78
N ARG B 61 -13.24 -6.56 18.60
CA ARG B 61 -14.65 -6.27 18.31
C ARG B 61 -14.92 -6.12 16.81
N VAL B 62 -13.87 -6.18 16.00
CA VAL B 62 -14.03 -6.22 14.57
C VAL B 62 -14.48 -7.64 14.17
N PRO B 63 -15.71 -7.76 13.65
CA PRO B 63 -16.28 -9.07 13.32
C PRO B 63 -15.32 -9.92 12.51
N GLY B 64 -15.12 -11.17 12.93
CA GLY B 64 -14.23 -12.09 12.23
C GLY B 64 -12.85 -12.18 12.86
N PHE B 65 -12.41 -11.09 13.47
CA PHE B 65 -11.06 -11.03 14.03
C PHE B 65 -10.85 -12.03 15.16
N VAL B 66 -11.85 -12.17 16.02
CA VAL B 66 -11.73 -13.05 17.17
C VAL B 66 -11.84 -14.53 16.76
N ASP B 67 -12.25 -14.76 15.52
CA ASP B 67 -12.31 -16.12 14.98
C ASP B 67 -10.93 -16.62 14.59
N LEU B 68 -9.95 -15.71 14.55
CA LEU B 68 -8.60 -16.06 14.12
C LEU B 68 -7.79 -16.67 15.27
N THR B 69 -6.77 -17.45 14.93
CA THR B 69 -5.84 -17.95 15.93
C THR B 69 -5.13 -16.78 16.58
N LEU B 70 -4.61 -16.98 17.78
CA LEU B 70 -3.90 -15.94 18.50
C LEU B 70 -2.67 -15.45 17.74
N HIS B 71 -1.93 -16.38 17.13
CA HIS B 71 -0.74 -16.02 16.37
CA HIS B 71 -0.74 -15.99 16.39
C HIS B 71 -1.08 -15.18 15.14
N ASP B 72 -2.22 -15.46 14.53
CA ASP B 72 -2.66 -14.72 13.35
C ASP B 72 -3.16 -13.33 13.75
N GLN B 73 -3.77 -13.24 14.92
CA GLN B 73 -4.20 -11.95 15.44
C GLN B 73 -3.01 -11.04 15.73
N VAL B 74 -1.98 -11.58 16.37
CA VAL B 74 -0.82 -10.74 16.69
C VAL B 74 -0.11 -10.29 15.42
N HIS B 75 -0.04 -11.18 14.44
CA HIS B 75 0.59 -10.85 13.16
C HIS B 75 -0.11 -9.66 12.50
N LEU B 76 -1.43 -9.73 12.40
CA LEU B 76 -2.20 -8.65 11.79
C LEU B 76 -1.96 -7.31 12.49
N LEU B 77 -1.89 -7.35 13.82
CA LEU B 77 -1.71 -6.11 14.59
C LEU B 77 -0.29 -5.58 14.50
N GLU B 78 0.69 -6.49 14.56
CA GLU B 78 2.07 -6.13 14.31
C GLU B 78 2.22 -5.45 12.96
N CYS B 79 1.55 -5.98 11.95
CA CYS B 79 1.63 -5.42 10.60
CA CYS B 79 1.65 -5.40 10.61
C CYS B 79 0.89 -4.09 10.46
N ALA B 80 -0.27 -3.98 11.12
CA ALA B 80 -1.19 -2.87 10.85
C ALA B 80 -1.23 -1.71 11.85
N TRP B 81 -0.60 -1.87 13.02
CA TRP B 81 -0.80 -0.88 14.08
C TRP B 81 -0.57 0.59 13.67
N LEU B 82 0.52 0.88 12.98
CA LEU B 82 0.84 2.27 12.65
C LEU B 82 -0.10 2.82 11.58
N GLU B 83 -0.48 1.98 10.62
CA GLU B 83 -1.48 2.36 9.63
C GLU B 83 -2.77 2.76 10.30
N ILE B 84 -3.13 2.01 11.35
CA ILE B 84 -4.37 2.24 12.06
C ILE B 84 -4.32 3.54 12.87
N LEU B 85 -3.20 3.78 13.55
CA LEU B 85 -3.03 5.06 14.24
C LEU B 85 -3.12 6.19 13.23
N MET B 86 -2.47 6.01 12.08
CA MET B 86 -2.40 7.06 11.07
C MET B 86 -3.75 7.41 10.46
N ILE B 87 -4.58 6.40 10.18
CA ILE B 87 -5.88 6.70 9.60
C ILE B 87 -6.77 7.38 10.65
N GLY B 88 -6.61 6.98 11.91
CA GLY B 88 -7.27 7.64 13.01
C GLY B 88 -6.86 9.10 13.08
N LEU B 89 -5.56 9.35 12.97
CA LEU B 89 -5.03 10.70 12.98
C LEU B 89 -5.66 11.52 11.85
N VAL B 90 -5.59 10.98 10.64
CA VAL B 90 -6.11 11.67 9.46
C VAL B 90 -7.62 11.99 9.57
N TRP B 91 -8.37 11.07 10.18
CA TRP B 91 -9.80 11.27 10.37
C TRP B 91 -10.12 12.45 11.29
N ARG B 92 -9.51 12.47 12.47
CA ARG B 92 -9.80 13.54 13.41
C ARG B 92 -9.14 14.86 13.03
N SER B 93 -8.29 14.84 12.01
CA SER B 93 -7.66 16.07 11.54
C SER B 93 -8.42 16.75 10.41
N MET B 94 -9.43 16.06 9.87
CA MET B 94 -10.15 16.55 8.69
C MET B 94 -10.57 18.01 8.78
N GLU B 95 -11.12 18.38 9.92
CA GLU B 95 -11.69 19.72 10.08
C GLU B 95 -10.64 20.71 10.57
N HIS B 96 -9.37 20.35 10.43
CA HIS B 96 -8.27 21.22 10.81
C HIS B 96 -7.29 21.38 9.67
N PRO B 97 -7.74 22.03 8.58
CA PRO B 97 -6.90 22.24 7.39
C PRO B 97 -5.51 22.70 7.77
N GLY B 98 -4.49 22.03 7.23
CA GLY B 98 -3.12 22.43 7.45
C GLY B 98 -2.57 22.07 8.81
N LYS B 99 -3.32 21.26 9.56
CA LYS B 99 -2.88 20.84 10.88
C LYS B 99 -3.21 19.38 11.14
N LEU B 100 -2.42 18.73 11.98
CA LEU B 100 -2.68 17.36 12.39
C LEU B 100 -3.06 17.34 13.87
N LEU B 101 -4.20 16.74 14.17
CA LEU B 101 -4.69 16.69 15.55
C LEU B 101 -4.31 15.37 16.21
N PHE B 102 -3.07 15.27 16.66
CA PHE B 102 -2.61 14.05 17.31
C PHE B 102 -3.43 13.77 18.56
N ALA B 103 -3.68 14.82 19.34
CA ALA B 103 -4.60 14.73 20.47
C ALA B 103 -5.37 16.04 20.58
N PRO B 104 -6.46 16.05 21.36
CA PRO B 104 -7.23 17.29 21.52
C PRO B 104 -6.36 18.41 22.09
N ASN B 105 -5.33 18.05 22.86
CA ASN B 105 -4.42 19.03 23.43
C ASN B 105 -3.09 19.12 22.66
N LEU B 106 -3.06 18.55 21.46
CA LEU B 106 -1.85 18.54 20.64
C LEU B 106 -2.21 18.69 19.16
N LEU B 107 -2.42 19.93 18.73
CA LEU B 107 -2.76 20.21 17.33
C LEU B 107 -1.58 20.90 16.67
N LEU B 108 -1.01 20.25 15.66
CA LEU B 108 0.25 20.72 15.09
C LEU B 108 0.18 21.08 13.61
N ASP B 109 0.80 22.19 13.25
CA ASP B 109 1.08 22.48 11.85
C ASP B 109 2.48 21.94 11.56
N ARG B 110 2.90 21.98 10.28
CA ARG B 110 4.14 21.33 9.89
C ARG B 110 5.41 21.96 10.48
N ASN B 111 5.25 23.09 11.15
CA ASN B 111 6.40 23.83 11.68
C ASN B 111 6.97 23.28 13.00
N LYS B 114 8.84 21.42 15.24
CA LYS B 114 9.98 20.57 15.61
C LYS B 114 10.08 19.22 14.90
N CYS B 115 9.63 19.16 13.65
CA CYS B 115 9.82 17.95 12.86
C CYS B 115 11.28 17.79 12.46
N VAL B 116 11.84 16.64 12.78
CA VAL B 116 13.27 16.39 12.62
C VAL B 116 13.76 16.57 11.19
N GLU B 117 14.18 15.48 10.55
CA GLU B 117 14.75 15.56 9.21
C GLU B 117 14.21 14.45 8.31
N GLY B 118 13.23 14.79 7.49
CA GLY B 118 12.56 13.81 6.65
C GLY B 118 11.21 13.44 7.23
N MET B 119 11.09 13.62 8.55
CA MET B 119 9.83 13.41 9.24
C MET B 119 8.76 14.34 8.65
N VAL B 120 9.18 15.53 8.28
CA VAL B 120 8.28 16.56 7.76
C VAL B 120 7.51 16.09 6.53
N GLU B 121 8.12 15.27 5.70
CA GLU B 121 7.44 14.82 4.47
C GLU B 121 6.29 13.87 4.79
N ILE B 122 6.50 12.98 5.76
CA ILE B 122 5.45 12.10 6.25
C ILE B 122 4.33 12.95 6.81
N PHE B 123 4.72 13.99 7.53
CA PHE B 123 3.79 14.95 8.08
C PHE B 123 2.96 15.57 6.97
N ASP B 124 3.63 16.01 5.90
CA ASP B 124 2.93 16.57 4.76
C ASP B 124 2.01 15.53 4.13
N MET B 125 2.48 14.28 4.09
CA MET B 125 1.69 13.21 3.51
C MET B 125 0.42 12.94 4.31
N LEU B 126 0.52 13.01 5.63
CA LEU B 126 -0.66 12.83 6.47
C LEU B 126 -1.60 13.99 6.24
N LEU B 127 -1.05 15.20 6.19
CA LEU B 127 -1.84 16.38 5.86
C LEU B 127 -2.57 16.22 4.54
N ALA B 128 -1.85 15.75 3.51
CA ALA B 128 -2.46 15.55 2.21
C ALA B 128 -3.61 14.56 2.30
N THR B 129 -3.37 13.46 3.02
CA THR B 129 -4.36 12.42 3.19
C THR B 129 -5.61 12.95 3.87
N SER B 130 -5.41 13.75 4.92
CA SER B 130 -6.53 14.34 5.64
C SER B 130 -7.37 15.25 4.75
N SER B 131 -6.72 16.15 4.02
CA SER B 131 -7.46 17.05 3.14
C SER B 131 -8.14 16.27 2.02
N ARG B 132 -7.59 15.10 1.70
CA ARG B 132 -8.22 14.22 0.73
C ARG B 132 -9.56 13.72 1.30
N PHE B 133 -9.53 13.28 2.56
CA PHE B 133 -10.75 12.86 3.25
C PHE B 133 -11.76 14.01 3.34
N ARG B 134 -11.24 15.22 3.53
CA ARG B 134 -12.08 16.38 3.68
C ARG B 134 -12.84 16.67 2.38
N MET B 135 -12.12 16.61 1.26
CA MET B 135 -12.71 16.89 -0.06
C MET B 135 -13.70 15.83 -0.51
N MET B 136 -13.52 14.59 -0.04
CA MET B 136 -14.46 13.52 -0.35
C MET B 136 -15.67 13.57 0.58
N ASN B 137 -15.54 14.34 1.65
CA ASN B 137 -16.56 14.32 2.70
C ASN B 137 -16.72 12.90 3.25
N LEU B 138 -15.61 12.31 3.67
CA LEU B 138 -15.61 10.97 4.24
C LEU B 138 -16.54 10.90 5.44
N GLN B 139 -17.33 9.84 5.52
CA GLN B 139 -18.28 9.68 6.61
C GLN B 139 -17.77 8.66 7.63
N GLY B 140 -18.17 8.84 8.89
CA GLY B 140 -17.68 7.97 9.96
C GLY B 140 -17.95 6.51 9.66
N GLU B 141 -19.14 6.23 9.15
CA GLU B 141 -19.50 4.88 8.76
C GLU B 141 -18.47 4.32 7.79
N GLU B 142 -18.04 5.14 6.84
CA GLU B 142 -17.02 4.75 5.88
C GLU B 142 -15.67 4.58 6.55
N PHE B 143 -15.32 5.56 7.38
CA PHE B 143 -14.07 5.50 8.14
C PHE B 143 -13.89 4.18 8.88
N VAL B 144 -14.90 3.76 9.62
CA VAL B 144 -14.74 2.55 10.43
C VAL B 144 -14.59 1.30 9.56
N CYS B 145 -15.29 1.26 8.43
CA CYS B 145 -15.12 0.19 7.46
C CYS B 145 -13.68 0.15 6.95
N LEU B 146 -13.16 1.31 6.54
CA LEU B 146 -11.80 1.39 6.01
C LEU B 146 -10.76 0.91 7.02
N LYS B 147 -10.97 1.29 8.27
CA LYS B 147 -10.03 0.96 9.33
C LYS B 147 -10.03 -0.55 9.61
N SER B 148 -11.22 -1.14 9.60
CA SER B 148 -11.34 -2.59 9.74
C SER B 148 -10.66 -3.33 8.60
N ILE B 149 -10.73 -2.75 7.40
CA ILE B 149 -10.08 -3.34 6.22
C ILE B 149 -8.56 -3.36 6.34
N ILE B 150 -7.99 -2.25 6.81
CA ILE B 150 -6.56 -2.17 7.06
C ILE B 150 -6.11 -3.29 8.00
N LEU B 151 -6.84 -3.47 9.10
CA LEU B 151 -6.51 -4.50 10.07
C LEU B 151 -6.43 -5.88 9.43
N LEU B 152 -7.45 -6.23 8.66
CA LEU B 152 -7.55 -7.56 8.09
C LEU B 152 -6.65 -7.74 6.86
N ASN B 153 -6.42 -6.64 6.14
CA ASN B 153 -5.73 -6.72 4.86
C ASN B 153 -4.20 -6.60 4.91
N SER B 154 -3.68 -5.82 5.85
CA SER B 154 -2.28 -5.44 5.76
C SER B 154 -1.27 -6.57 6.05
N GLY B 155 -1.74 -7.67 6.62
CA GLY B 155 -0.86 -8.76 6.94
C GLY B 155 -1.28 -10.12 6.41
N VAL B 156 -2.35 -10.16 5.62
CA VAL B 156 -2.91 -11.42 5.15
C VAL B 156 -1.96 -12.19 4.23
N TYR B 157 -1.17 -11.46 3.43
CA TYR B 157 -0.17 -12.08 2.56
C TYR B 157 1.21 -12.04 3.21
N SER B 162 1.92 -21.83 5.32
CA SER B 162 2.02 -23.29 5.24
C SER B 162 1.13 -23.97 6.27
N THR B 163 0.24 -24.84 5.79
CA THR B 163 -0.65 -25.65 6.61
C THR B 163 -2.08 -25.63 6.10
N LEU B 164 -2.90 -24.74 6.65
CA LEU B 164 -4.27 -24.52 6.19
C LEU B 164 -5.28 -25.44 6.87
N LYS B 165 -5.62 -25.16 8.13
CA LYS B 165 -5.01 -24.09 8.91
C LYS B 165 -4.79 -22.77 8.16
N SER B 166 -3.52 -22.39 8.01
CA SER B 166 -3.15 -21.13 7.37
C SER B 166 -4.06 -20.76 6.21
N LEU B 167 -4.06 -21.58 5.16
CA LEU B 167 -4.87 -21.30 3.99
C LEU B 167 -6.35 -21.13 4.36
N GLU B 168 -6.82 -21.91 5.32
CA GLU B 168 -8.20 -21.85 5.76
C GLU B 168 -8.54 -20.51 6.43
N GLU B 169 -7.61 -19.99 7.22
CA GLU B 169 -7.81 -18.70 7.87
C GLU B 169 -7.84 -17.56 6.86
N LYS B 170 -6.96 -17.65 5.86
CA LYS B 170 -6.86 -16.63 4.83
C LYS B 170 -8.21 -16.42 4.14
N ASP B 171 -8.83 -17.52 3.71
CA ASP B 171 -10.13 -17.44 3.03
C ASP B 171 -11.19 -16.76 3.89
N HIS B 172 -11.18 -17.04 5.18
CA HIS B 172 -12.14 -16.44 6.11
C HIS B 172 -11.96 -14.92 6.18
N ILE B 173 -10.70 -14.48 6.24
CA ILE B 173 -10.40 -13.08 6.19
C ILE B 173 -10.94 -12.49 4.89
N HIS B 174 -10.70 -13.20 3.80
CA HIS B 174 -11.19 -12.77 2.49
C HIS B 174 -12.70 -12.62 2.53
N ARG B 175 -13.40 -13.60 3.10
CA ARG B 175 -14.84 -13.55 3.21
C ARG B 175 -15.29 -12.30 3.98
N VAL B 176 -14.61 -12.01 5.08
CA VAL B 176 -14.94 -10.86 5.90
C VAL B 176 -14.74 -9.59 5.10
N LEU B 177 -13.64 -9.54 4.35
CA LEU B 177 -13.31 -8.41 3.51
C LEU B 177 -14.37 -8.16 2.46
N ASP B 178 -14.85 -9.21 1.80
CA ASP B 178 -15.96 -9.06 0.87
C ASP B 178 -17.17 -8.43 1.59
N LYS B 179 -17.44 -8.87 2.82
CA LYS B 179 -18.57 -8.36 3.58
C LYS B 179 -18.49 -6.85 3.77
N ILE B 180 -17.31 -6.38 4.20
CA ILE B 180 -17.09 -4.96 4.42
C ILE B 180 -17.23 -4.16 3.13
N THR B 181 -16.87 -4.78 2.01
CA THR B 181 -17.06 -4.15 0.71
C THR B 181 -18.54 -3.94 0.42
N ASP B 182 -19.34 -4.98 0.66
CA ASP B 182 -20.78 -4.89 0.51
C ASP B 182 -21.33 -3.77 1.37
N THR B 183 -20.79 -3.63 2.58
CA THR B 183 -21.25 -2.63 3.52
C THR B 183 -20.95 -1.23 3.00
N LEU B 184 -19.72 -1.02 2.54
CA LEU B 184 -19.33 0.25 1.93
C LEU B 184 -20.27 0.64 0.79
N ILE B 185 -20.46 -0.26 -0.14
CA ILE B 185 -21.35 -0.02 -1.28
C ILE B 185 -22.78 0.26 -0.79
N HIS B 186 -23.19 -0.43 0.26
CA HIS B 186 -24.52 -0.23 0.84
C HIS B 186 -24.67 1.19 1.39
N LEU B 187 -23.68 1.62 2.17
CA LEU B 187 -23.63 2.99 2.66
C LEU B 187 -23.75 4.00 1.51
N MET B 188 -22.96 3.81 0.46
CA MET B 188 -22.98 4.73 -0.66
C MET B 188 -24.33 4.75 -1.37
N ALA B 189 -24.89 3.58 -1.64
CA ALA B 189 -26.20 3.50 -2.25
C ALA B 189 -27.24 4.29 -1.44
N LYS B 190 -27.26 4.06 -0.12
CA LYS B 190 -28.19 4.75 0.74
C LYS B 190 -27.97 6.27 0.69
N ALA B 191 -26.72 6.68 0.47
CA ALA B 191 -26.39 8.11 0.42
C ALA B 191 -26.86 8.78 -0.87
N GLY B 192 -27.35 7.99 -1.82
CA GLY B 192 -27.91 8.52 -3.05
C GLY B 192 -26.98 8.55 -4.25
N LEU B 193 -25.81 7.91 -4.13
CA LEU B 193 -24.88 7.85 -5.25
C LEU B 193 -25.36 6.92 -6.35
N THR B 194 -25.16 7.33 -7.60
CA THR B 194 -25.43 6.44 -8.71
C THR B 194 -24.49 5.25 -8.59
N LEU B 195 -24.76 4.21 -9.36
CA LEU B 195 -23.89 3.04 -9.39
C LEU B 195 -22.47 3.43 -9.74
N GLN B 196 -22.31 4.23 -10.79
CA GLN B 196 -21.00 4.72 -11.21
C GLN B 196 -20.28 5.47 -10.10
N GLN B 197 -21.01 6.33 -9.39
CA GLN B 197 -20.44 7.10 -8.30
C GLN B 197 -20.04 6.20 -7.13
N GLN B 198 -20.76 5.09 -6.99
CA GLN B 198 -20.43 4.13 -5.94
C GLN B 198 -19.09 3.46 -6.21
N HIS B 199 -18.93 2.91 -7.41
CA HIS B 199 -17.69 2.21 -7.77
C HIS B 199 -16.50 3.14 -7.68
N GLN B 200 -16.68 4.37 -8.15
CA GLN B 200 -15.61 5.35 -8.15
C GLN B 200 -15.20 5.72 -6.73
N ARG B 201 -16.20 5.98 -5.88
CA ARG B 201 -15.91 6.32 -4.50
C ARG B 201 -15.22 5.15 -3.80
N LEU B 202 -15.77 3.96 -3.99
CA LEU B 202 -15.15 2.77 -3.43
C LEU B 202 -13.68 2.68 -3.82
N ALA B 203 -13.39 2.93 -5.10
CA ALA B 203 -12.01 2.90 -5.57
C ALA B 203 -11.16 4.02 -4.94
N GLN B 204 -11.69 5.24 -4.96
CA GLN B 204 -11.01 6.37 -4.32
C GLN B 204 -10.65 6.05 -2.87
N LEU B 205 -11.57 5.43 -2.15
CA LEU B 205 -11.33 5.10 -0.75
C LEU B 205 -10.22 4.04 -0.60
N LEU B 206 -10.25 3.03 -1.46
CA LEU B 206 -9.30 1.94 -1.34
C LEU B 206 -7.90 2.30 -1.79
N LEU B 207 -7.79 3.19 -2.78
CA LEU B 207 -6.50 3.67 -3.22
C LEU B 207 -5.79 4.46 -2.13
N ILE B 208 -6.57 5.07 -1.25
CA ILE B 208 -6.01 5.85 -0.15
C ILE B 208 -5.28 4.94 0.84
N LEU B 209 -5.72 3.69 0.93
CA LEU B 209 -5.05 2.72 1.78
C LEU B 209 -3.64 2.42 1.30
N SER B 210 -3.41 2.62 0.01
CA SER B 210 -2.06 2.45 -0.55
C SER B 210 -1.13 3.52 0.02
N HIS B 211 -1.61 4.76 0.03
CA HIS B 211 -0.85 5.87 0.60
C HIS B 211 -0.65 5.68 2.09
N ILE B 212 -1.66 5.11 2.75
CA ILE B 212 -1.54 4.87 4.19
C ILE B 212 -0.52 3.78 4.48
N ARG B 213 -0.50 2.73 3.67
CA ARG B 213 0.54 1.73 3.79
C ARG B 213 1.91 2.37 3.62
N HIS B 214 2.00 3.30 2.68
CA HIS B 214 3.27 3.96 2.37
C HIS B 214 3.76 4.79 3.55
N MET B 215 2.88 5.63 4.08
CA MET B 215 3.21 6.43 5.23
C MET B 215 3.62 5.55 6.39
N SER B 216 2.91 4.45 6.59
CA SER B 216 3.27 3.50 7.62
C SER B 216 4.71 2.99 7.43
N ASN B 217 5.01 2.51 6.23
CA ASN B 217 6.35 1.98 5.95
C ASN B 217 7.45 2.99 6.24
N LYS B 218 7.24 4.23 5.81
CA LYS B 218 8.22 5.28 6.06
C LYS B 218 8.35 5.55 7.56
N GLY B 219 7.22 5.56 8.26
CA GLY B 219 7.21 5.79 9.69
C GLY B 219 8.04 4.74 10.42
N MET B 220 7.83 3.49 10.06
CA MET B 220 8.56 2.37 10.66
C MET B 220 10.06 2.56 10.48
N GLU B 221 10.46 3.03 9.30
CA GLU B 221 11.86 3.29 9.03
C GLU B 221 12.42 4.32 10.01
N HIS B 222 11.69 5.41 10.22
CA HIS B 222 12.11 6.42 11.19
C HIS B 222 12.09 5.88 12.61
N LEU B 223 11.11 5.05 12.92
CA LEU B 223 11.00 4.45 14.25
C LEU B 223 12.24 3.64 14.56
N TYR B 224 12.69 2.85 13.59
CA TYR B 224 13.92 2.09 13.76
C TYR B 224 15.11 3.03 13.94
N SER B 225 15.05 4.18 13.28
CA SER B 225 16.10 5.19 13.39
C SER B 225 16.17 5.78 14.79
N MET B 226 15.01 6.01 15.39
CA MET B 226 14.93 6.60 16.72
C MET B 226 15.41 5.63 17.79
N LYS B 227 15.07 4.36 17.64
CA LYS B 227 15.54 3.32 18.55
C LYS B 227 17.07 3.33 18.59
N CYS B 228 17.67 3.39 17.42
CA CYS B 228 19.12 3.40 17.30
C CYS B 228 19.74 4.64 17.94
N LYS B 229 19.13 5.80 17.70
CA LYS B 229 19.64 7.04 18.28
C LYS B 229 19.44 7.02 19.78
N ASN B 230 18.48 6.19 20.22
CA ASN B 230 18.30 5.92 21.64
C ASN B 230 18.15 7.19 22.49
N VAL B 231 17.43 8.17 21.97
CA VAL B 231 17.13 9.36 22.75
C VAL B 231 15.64 9.47 23.06
N VAL B 232 14.79 9.37 22.03
CA VAL B 232 13.34 9.40 22.26
C VAL B 232 12.86 8.10 22.88
N PRO B 233 12.12 8.20 23.99
CA PRO B 233 11.65 7.01 24.71
C PRO B 233 10.70 6.17 23.88
N LEU B 234 10.95 4.88 23.82
CA LEU B 234 10.07 3.92 23.16
C LEU B 234 9.67 2.84 24.14
N SER B 235 8.38 2.56 24.24
CA SER B 235 7.88 1.59 25.22
C SER B 235 8.36 0.21 24.85
N ASP B 236 8.25 -0.73 25.78
CA ASP B 236 8.62 -2.11 25.49
C ASP B 236 7.71 -2.72 24.41
N LEU B 237 6.46 -2.28 24.41
CA LEU B 237 5.49 -2.76 23.41
C LEU B 237 5.82 -2.22 22.03
N LEU B 238 6.14 -0.94 21.95
CA LEU B 238 6.50 -0.35 20.67
C LEU B 238 7.77 -1.01 20.13
N LEU B 239 8.71 -1.30 21.01
CA LEU B 239 9.92 -2.02 20.63
C LEU B 239 9.57 -3.37 20.01
N GLU B 240 8.77 -4.16 20.72
CA GLU B 240 8.35 -5.46 20.21
C GLU B 240 7.64 -5.35 18.88
N MET B 241 6.76 -4.36 18.74
CA MET B 241 6.07 -4.14 17.48
C MET B 241 7.09 -3.85 16.39
N LEU B 242 8.06 -3.00 16.72
CA LEU B 242 9.10 -2.61 15.77
C LEU B 242 9.89 -3.82 15.29
N ASP B 243 10.24 -4.70 16.22
CA ASP B 243 10.99 -5.90 15.89
C ASP B 243 10.27 -6.76 14.87
N ALA B 244 8.94 -6.82 14.97
CA ALA B 244 8.13 -7.62 14.06
C ALA B 244 8.34 -7.20 12.61
N HIS B 245 8.49 -5.89 12.38
CA HIS B 245 8.69 -5.38 11.04
C HIS B 245 10.12 -5.58 10.52
N ARG B 246 11.04 -5.87 11.44
CA ARG B 246 12.44 -6.07 11.07
C ARG B 246 12.79 -7.55 10.99
N HIS C 1 19.70 18.31 -12.71
CA HIS C 1 19.08 17.70 -13.88
C HIS C 1 19.10 16.19 -13.77
N LYS C 2 17.98 15.56 -14.07
CA LYS C 2 17.87 14.11 -13.96
C LYS C 2 17.82 13.42 -15.31
N ILE C 3 18.33 12.21 -15.38
CA ILE C 3 18.22 11.38 -16.57
C ILE C 3 16.73 11.24 -16.91
N LEU C 4 15.92 11.07 -15.87
CA LEU C 4 14.49 10.92 -16.07
C LEU C 4 13.93 12.08 -16.88
N HIS C 5 14.34 13.30 -16.52
CA HIS C 5 13.92 14.51 -17.22
C HIS C 5 14.21 14.43 -18.72
N ARG C 6 15.35 13.86 -19.07
CA ARG C 6 15.72 13.73 -20.48
C ARG C 6 14.89 12.65 -21.19
N LEU C 7 14.82 11.46 -20.58
CA LEU C 7 14.11 10.33 -21.19
C LEU C 7 12.64 10.63 -21.44
N LEU C 8 12.04 11.42 -20.56
CA LEU C 8 10.62 11.77 -20.69
C LEU C 8 10.36 12.76 -21.84
N GLN C 9 11.41 13.22 -22.50
CA GLN C 9 11.25 14.11 -23.66
C GLN C 9 11.29 13.35 -24.98
N ASP C 10 10.44 13.77 -25.92
CA ASP C 10 10.42 13.15 -27.25
C ASP C 10 11.66 13.54 -28.05
N LYS D 2 5.85 -12.21 25.21
CA LYS D 2 5.39 -11.36 24.12
C LYS D 2 4.22 -10.47 24.57
N ILE D 3 4.48 -9.18 24.69
CA ILE D 3 3.49 -8.26 25.24
C ILE D 3 2.16 -8.31 24.49
N LEU D 4 2.21 -8.08 23.18
CA LEU D 4 1.00 -8.07 22.38
C LEU D 4 0.22 -9.37 22.55
N HIS D 5 0.94 -10.48 22.57
CA HIS D 5 0.34 -11.79 22.75
C HIS D 5 -0.49 -11.87 24.03
N ARG D 6 0.09 -11.40 25.13
CA ARG D 6 -0.59 -11.40 26.42
C ARG D 6 -1.81 -10.49 26.42
N LEU D 7 -1.66 -9.29 25.87
CA LEU D 7 -2.75 -8.32 25.85
C LEU D 7 -3.92 -8.87 25.07
N LEU D 8 -3.62 -9.59 24.00
CA LEU D 8 -4.65 -10.18 23.16
C LEU D 8 -5.43 -11.22 23.94
N GLN D 9 -4.72 -12.00 24.76
CA GLN D 9 -5.35 -13.02 25.58
C GLN D 9 -6.27 -12.43 26.64
N ASP D 10 -5.86 -11.31 27.23
CA ASP D 10 -6.70 -10.63 28.22
C ASP D 10 -7.99 -10.12 27.59
#